data_6JLH
#
_entry.id   6JLH
#
_cell.length_a   104.524
_cell.length_b   107.049
_cell.length_c   54.770
_cell.angle_alpha   90.000
_cell.angle_beta   90.000
_cell.angle_gamma   90.000
#
_symmetry.space_group_name_H-M   'P 21 21 2'
#
loop_
_entity.id
_entity.type
_entity.pdbx_description
1 polymer Secretagogin
2 polymer 'Synaptosomal-associated protein 25'
3 non-polymer 'CALCIUM ION'
4 non-polymer 'CHLORIDE ION'
5 water water
#
loop_
_entity_poly.entity_id
_entity_poly.type
_entity_poly.pdbx_seq_one_letter_code
_entity_poly.pdbx_strand_id
1 'polypeptide(L)'
;NLDAAGFLQIWQHFDADDNGYIEGKELDDFFRH(MSE)LKKLQPKDKITDERVQQIKKSF(MSE)SAYDATFDGRLQIEE
LAN(MSE)ILPQEENFLLIFRREAPLDNSVEF(MSE)KIWRKYDADSSGYISAAELKNFLKDLFLQHKKKIPPNKLDEYT
DA(MSE)(MSE)KIFDKNKDGRLDLNDLARILALQENFLLQFK(MSE)DASSQVERKRDFEKIFAHYDVSRTGALEGPEV
DGFVKD(MSE)(MSE)ELVRPSISGGDLDKFRECLLTHCD(MSE)NKDGKIQKSELALCLG
;
A,C
2 'polypeptide(L)' SGIIGNLRHMALDMGNE B,D
#
loop_
_chem_comp.id
_chem_comp.type
_chem_comp.name
_chem_comp.formula
CA non-polymer 'CALCIUM ION' 'Ca 2'
CL non-polymer 'CHLORIDE ION' 'Cl -1'
#
# COMPACT_ATOMS: atom_id res chain seq x y z
N ASN A 1 26.72 3.65 17.16
CA ASN A 1 27.65 2.60 16.64
C ASN A 1 27.75 2.76 15.12
N LEU A 2 26.65 2.50 14.41
CA LEU A 2 26.52 2.42 12.92
C LEU A 2 26.30 3.81 12.32
N ASP A 3 26.72 4.02 11.08
CA ASP A 3 26.60 5.33 10.38
C ASP A 3 25.90 5.10 9.03
N ALA A 4 25.59 6.18 8.31
CA ALA A 4 24.78 6.20 7.07
C ALA A 4 25.31 5.18 6.06
N ALA A 5 26.62 5.24 5.77
CA ALA A 5 27.27 4.41 4.74
C ALA A 5 27.13 2.94 5.13
N GLY A 6 27.53 2.55 6.34
CA GLY A 6 27.48 1.16 6.83
C GLY A 6 26.04 0.64 6.88
N PHE A 7 25.09 1.51 7.21
CA PHE A 7 23.63 1.19 7.18
C PHE A 7 23.26 0.80 5.75
N LEU A 8 23.74 1.56 4.75
CA LEU A 8 23.48 1.34 3.31
C LEU A 8 24.00 -0.04 2.90
N GLN A 9 25.20 -0.41 3.36
CA GLN A 9 25.88 -1.67 2.97
C GLN A 9 25.01 -2.85 3.46
N ILE A 10 24.47 -2.73 4.67
CA ILE A 10 23.58 -3.76 5.29
C ILE A 10 22.28 -3.82 4.49
N TRP A 11 21.70 -2.66 4.15
CA TRP A 11 20.46 -2.57 3.33
C TRP A 11 20.69 -3.27 1.98
N GLN A 12 21.79 -2.92 1.30
CA GLN A 12 22.11 -3.43 -0.07
C GLN A 12 22.37 -4.94 0.02
N HIS A 13 23.08 -5.42 1.05
CA HIS A 13 23.36 -6.87 1.22
C HIS A 13 22.06 -7.66 1.24
N PHE A 14 21.06 -7.23 2.05
CA PHE A 14 19.86 -8.05 2.33
C PHE A 14 18.76 -7.77 1.30
N ASP A 15 18.66 -6.56 0.74
CA ASP A 15 17.76 -6.34 -0.43
C ASP A 15 18.50 -6.86 -1.66
N ALA A 16 18.73 -8.18 -1.70
CA ALA A 16 19.61 -8.90 -2.65
C ALA A 16 19.25 -8.48 -4.08
N ASP A 17 17.95 -8.55 -4.43
CA ASP A 17 17.42 -8.31 -5.81
C ASP A 17 17.15 -6.82 -6.05
N ASP A 18 17.48 -5.94 -5.09
CA ASP A 18 17.45 -4.47 -5.28
C ASP A 18 16.04 -3.99 -5.68
N ASN A 19 14.97 -4.57 -5.13
CA ASN A 19 13.55 -4.27 -5.49
C ASN A 19 12.91 -3.31 -4.46
N GLY A 20 13.64 -2.88 -3.42
CA GLY A 20 13.18 -1.90 -2.41
C GLY A 20 12.58 -2.53 -1.14
N TYR A 21 12.65 -3.86 -0.99
CA TYR A 21 12.00 -4.61 0.12
C TYR A 21 12.90 -5.75 0.58
N ILE A 22 13.10 -5.91 1.90
CA ILE A 22 13.62 -7.18 2.47
C ILE A 22 12.41 -8.07 2.74
N GLU A 23 12.20 -9.08 1.89
CA GLU A 23 10.96 -9.91 1.84
C GLU A 23 11.34 -11.37 1.61
N GLY A 24 10.44 -12.28 1.99
CA GLY A 24 10.61 -13.74 1.86
C GLY A 24 11.90 -14.17 2.52
N LYS A 25 12.75 -14.88 1.77
CA LYS A 25 14.04 -15.48 2.23
C LYS A 25 15.03 -14.39 2.64
N GLU A 26 15.01 -13.22 1.99
CA GLU A 26 15.88 -12.07 2.35
C GLU A 26 15.66 -11.76 3.84
N LEU A 27 14.39 -11.81 4.28
CA LEU A 27 13.94 -11.42 5.62
C LEU A 27 14.30 -12.50 6.65
N ASP A 28 14.11 -13.78 6.30
CA ASP A 28 14.52 -14.91 7.17
C ASP A 28 16.04 -14.90 7.32
N ASP A 29 16.76 -14.62 6.23
CA ASP A 29 18.24 -14.53 6.22
C ASP A 29 18.66 -13.37 7.12
N PHE A 30 17.95 -12.25 7.01
CA PHE A 30 18.23 -11.06 7.85
C PHE A 30 18.10 -11.44 9.33
N PHE A 31 17.02 -12.12 9.71
CA PHE A 31 16.74 -12.46 11.13
C PHE A 31 17.58 -13.65 11.61
N ARG A 32 18.04 -14.51 10.69
CA ARG A 32 19.07 -15.54 11.01
C ARG A 32 20.37 -14.83 11.40
N HIS A 33 20.78 -13.85 10.60
CA HIS A 33 22.00 -13.03 10.86
C HIS A 33 21.89 -12.39 12.26
N MSE A 34 20.71 -11.85 12.56
CA MSE A 34 20.45 -11.11 13.83
C MSE A 34 20.65 -12.02 15.05
O MSE A 34 21.29 -11.56 16.02
CB MSE A 34 19.02 -10.55 13.82
CG MSE A 34 18.71 -9.62 14.97
SE MSE A 34 19.62 -7.89 14.78
CE MSE A 34 18.78 -7.31 13.14
N LEU A 35 20.15 -13.25 14.99
CA LEU A 35 20.27 -14.21 16.09
C LEU A 35 21.74 -14.44 16.43
N LYS A 36 22.58 -14.66 15.41
CA LYS A 36 24.03 -14.92 15.58
C LYS A 36 24.71 -13.72 16.25
N LYS A 37 24.33 -12.50 15.85
CA LYS A 37 24.91 -11.24 16.40
C LYS A 37 24.58 -11.16 17.90
N LEU A 38 23.29 -11.24 18.24
CA LEU A 38 22.78 -11.11 19.62
C LEU A 38 23.29 -12.28 20.47
N GLN A 39 23.02 -13.52 20.04
CA GLN A 39 23.39 -14.77 20.77
C GLN A 39 24.32 -15.61 19.90
N PRO A 40 25.64 -15.29 19.86
CA PRO A 40 26.61 -16.09 19.10
C PRO A 40 26.68 -17.55 19.58
N LYS A 41 26.57 -17.79 20.90
CA LYS A 41 26.65 -19.15 21.51
C LYS A 41 25.44 -20.00 21.10
N ASP A 42 24.31 -19.36 20.75
CA ASP A 42 23.01 -20.05 20.56
C ASP A 42 22.89 -20.61 19.14
N LYS A 43 22.27 -21.79 19.02
CA LYS A 43 21.96 -22.47 17.74
C LYS A 43 20.70 -21.84 17.14
N ILE A 44 20.74 -21.55 15.84
CA ILE A 44 19.59 -20.98 15.07
C ILE A 44 18.56 -22.12 14.86
N THR A 45 17.30 -21.89 15.22
CA THR A 45 16.18 -22.84 14.98
C THR A 45 15.04 -22.05 14.31
N ASP A 46 14.14 -22.73 13.58
CA ASP A 46 12.97 -22.09 12.92
C ASP A 46 12.11 -21.38 13.98
N GLU A 47 11.92 -21.99 15.15
CA GLU A 47 11.10 -21.39 16.24
C GLU A 47 11.70 -20.04 16.66
N ARG A 48 13.03 -19.94 16.78
CA ARG A 48 13.74 -18.73 17.28
C ARG A 48 13.83 -17.65 16.19
N VAL A 49 14.06 -18.04 14.94
CA VAL A 49 13.93 -17.12 13.77
C VAL A 49 12.52 -16.49 13.83
N GLN A 50 11.49 -17.32 13.96
CA GLN A 50 10.07 -16.90 13.98
C GLN A 50 9.79 -16.04 15.22
N GLN A 51 10.43 -16.32 16.36
CA GLN A 51 10.22 -15.52 17.60
C GLN A 51 10.90 -14.14 17.45
N ILE A 52 12.15 -14.07 16.98
CA ILE A 52 12.85 -12.75 16.85
C ILE A 52 12.15 -11.93 15.74
N LYS A 53 11.69 -12.60 14.67
CA LYS A 53 10.98 -11.99 13.53
C LYS A 53 9.69 -11.32 14.01
N LYS A 54 8.82 -12.04 14.73
CA LYS A 54 7.55 -11.51 15.29
C LYS A 54 7.86 -10.24 16.07
N SER A 55 8.81 -10.36 17.00
CA SER A 55 9.23 -9.31 17.97
C SER A 55 9.57 -8.01 17.22
N PHE A 56 10.54 -8.07 16.31
CA PHE A 56 11.11 -6.92 15.58
C PHE A 56 10.10 -6.41 14.55
N MSE A 57 9.34 -7.30 13.89
CA MSE A 57 8.36 -6.87 12.89
C MSE A 57 7.19 -6.15 13.56
O MSE A 57 6.65 -5.22 12.97
CB MSE A 57 7.88 -8.04 12.02
CG MSE A 57 8.95 -8.67 11.14
SE MSE A 57 9.79 -7.38 9.89
CE MSE A 57 8.29 -7.34 8.59
N SER A 58 6.83 -6.55 14.80
CA SER A 58 5.76 -5.91 15.55
C SER A 58 6.19 -4.50 15.94
N ALA A 59 7.47 -4.31 16.22
CA ALA A 59 8.02 -3.00 16.64
C ALA A 59 8.25 -2.08 15.43
N TYR A 60 8.58 -2.61 14.26
CA TYR A 60 9.23 -1.82 13.17
C TYR A 60 8.60 -2.00 11.78
N ASP A 61 7.75 -3.00 11.54
CA ASP A 61 7.00 -3.11 10.27
C ASP A 61 5.82 -2.15 10.33
N ALA A 62 6.11 -0.86 10.20
CA ALA A 62 5.15 0.27 10.27
C ALA A 62 4.12 0.22 9.14
N THR A 63 4.39 -0.42 7.99
CA THR A 63 3.46 -0.46 6.84
C THR A 63 2.61 -1.74 6.87
N PHE A 64 2.91 -2.69 7.76
CA PHE A 64 2.11 -3.91 8.06
C PHE A 64 1.94 -4.82 6.85
N ASP A 65 3.02 -5.07 6.10
CA ASP A 65 2.99 -5.86 4.84
C ASP A 65 3.88 -7.10 5.00
N GLY A 66 4.54 -7.28 6.16
CA GLY A 66 5.40 -8.46 6.42
C GLY A 66 6.75 -8.35 5.73
N ARG A 67 7.07 -7.16 5.21
CA ARG A 67 8.37 -6.84 4.57
C ARG A 67 9.01 -5.64 5.26
N LEU A 68 10.32 -5.50 5.13
CA LEU A 68 11.05 -4.29 5.55
C LEU A 68 11.43 -3.46 4.33
N GLN A 69 11.05 -2.20 4.35
CA GLN A 69 11.54 -1.17 3.39
C GLN A 69 12.58 -0.29 4.11
N ILE A 70 13.35 0.51 3.36
CA ILE A 70 14.59 1.14 3.88
C ILE A 70 14.31 1.95 5.17
N GLU A 71 13.20 2.70 5.26
CA GLU A 71 12.89 3.54 6.46
C GLU A 71 12.69 2.64 7.70
N GLU A 72 12.10 1.47 7.53
CA GLU A 72 11.73 0.55 8.65
C GLU A 72 13.01 -0.08 9.21
N LEU A 73 13.93 -0.48 8.34
CA LEU A 73 15.27 -0.94 8.77
C LEU A 73 16.01 0.21 9.43
N ALA A 74 15.92 1.44 8.89
CA ALA A 74 16.61 2.62 9.46
C ALA A 74 16.10 2.81 10.90
N ASN A 75 14.79 2.66 11.13
CA ASN A 75 14.21 2.81 12.48
C ASN A 75 14.76 1.75 13.40
N MSE A 76 15.05 0.56 12.88
CA MSE A 76 15.47 -0.58 13.69
C MSE A 76 16.91 -0.46 14.18
O MSE A 76 17.19 -0.78 15.34
CB MSE A 76 15.31 -1.86 12.88
CG MSE A 76 15.59 -3.10 13.69
SE MSE A 76 15.20 -4.72 12.67
CE MSE A 76 13.30 -4.77 12.20
N ILE A 77 17.85 -0.06 13.28
CA ILE A 77 19.27 -0.23 13.52
C ILE A 77 20.03 1.10 13.35
N LEU A 78 19.48 2.15 12.74
CA LEU A 78 20.25 3.40 12.47
C LEU A 78 19.93 4.43 13.53
N PRO A 79 20.91 4.83 14.37
CA PRO A 79 20.70 5.93 15.33
C PRO A 79 20.24 7.22 14.64
N GLN A 80 19.25 7.91 15.23
CA GLN A 80 18.57 9.11 14.68
C GLN A 80 19.57 10.10 14.07
N GLU A 81 20.67 10.36 14.77
CA GLU A 81 21.70 11.37 14.37
C GLU A 81 22.25 11.05 12.97
N GLU A 82 22.30 9.77 12.60
CA GLU A 82 22.84 9.26 11.32
C GLU A 82 21.70 8.97 10.31
N ASN A 83 20.45 9.31 10.62
CA ASN A 83 19.27 9.03 9.75
C ASN A 83 19.06 10.20 8.77
N PHE A 84 19.80 10.22 7.68
CA PHE A 84 19.69 11.20 6.56
C PHE A 84 18.22 11.30 6.08
N LEU A 85 17.46 10.20 6.20
CA LEU A 85 16.04 10.09 5.76
C LEU A 85 15.16 10.96 6.65
N LEU A 86 15.59 11.23 7.90
CA LEU A 86 14.79 12.03 8.85
C LEU A 86 14.74 13.50 8.40
N ILE A 87 15.49 13.89 7.36
CA ILE A 87 15.38 15.22 6.69
C ILE A 87 13.94 15.49 6.19
N PHE A 88 13.13 14.46 5.91
CA PHE A 88 11.78 14.60 5.29
C PHE A 88 10.64 14.58 6.32
N ARG A 89 10.93 14.44 7.62
CA ARG A 89 9.91 14.50 8.70
C ARG A 89 10.10 15.79 9.49
N ARG A 90 9.04 16.59 9.59
CA ARG A 90 8.96 17.88 10.32
C ARG A 90 8.54 17.60 11.77
N GLU A 91 8.34 18.65 12.57
CA GLU A 91 7.84 18.57 13.97
C GLU A 91 6.34 18.25 13.97
N ALA A 92 5.59 18.84 13.02
CA ALA A 92 4.14 18.58 12.82
C ALA A 92 3.94 17.43 11.82
N PRO A 93 3.09 16.42 12.15
CA PRO A 93 2.74 15.36 11.21
C PRO A 93 1.97 15.99 10.05
N LEU A 94 2.15 15.46 8.84
CA LEU A 94 1.43 15.89 7.62
C LEU A 94 0.15 15.05 7.54
N ASP A 95 -0.96 15.61 8.03
CA ASP A 95 -2.26 14.91 8.20
C ASP A 95 -3.35 15.60 7.38
N ASN A 96 -3.00 16.66 6.63
CA ASN A 96 -3.92 17.32 5.69
C ASN A 96 -3.41 17.07 4.26
N SER A 97 -4.24 16.39 3.46
CA SER A 97 -3.90 15.97 2.08
C SER A 97 -3.76 17.21 1.18
N VAL A 98 -4.38 18.34 1.51
CA VAL A 98 -4.28 19.60 0.71
C VAL A 98 -2.85 20.12 0.81
N GLU A 99 -2.25 20.08 2.00
CA GLU A 99 -0.85 20.54 2.25
C GLU A 99 0.11 19.64 1.44
N PHE A 100 -0.15 18.34 1.37
CA PHE A 100 0.59 17.36 0.51
C PHE A 100 0.47 17.71 -0.97
N MSE A 101 -0.74 18.03 -1.43
CA MSE A 101 -0.97 18.34 -2.84
C MSE A 101 -0.33 19.67 -3.24
O MSE A 101 0.08 19.81 -4.38
CB MSE A 101 -2.47 18.38 -3.14
CG MSE A 101 -3.15 17.04 -3.10
SE MSE A 101 -2.38 15.74 -4.37
CE MSE A 101 -1.92 16.76 -5.95
N LYS A 102 -0.25 20.66 -2.33
CA LYS A 102 0.51 21.88 -2.59
C LYS A 102 1.98 21.55 -2.92
N ILE A 103 2.58 20.58 -2.20
CA ILE A 103 3.99 20.15 -2.44
C ILE A 103 4.04 19.37 -3.77
N TRP A 104 3.08 18.48 -4.00
CA TRP A 104 3.00 17.69 -5.28
C TRP A 104 2.89 18.66 -6.46
N ARG A 105 2.01 19.65 -6.40
CA ARG A 105 1.76 20.61 -7.52
C ARG A 105 2.96 21.55 -7.73
N LYS A 106 3.63 21.97 -6.66
CA LYS A 106 4.84 22.83 -6.76
C LYS A 106 5.94 22.09 -7.54
N TYR A 107 6.24 20.82 -7.18
CA TYR A 107 7.42 20.08 -7.70
C TYR A 107 7.09 19.25 -8.94
N ASP A 108 5.88 18.72 -9.11
CA ASP A 108 5.42 18.24 -10.43
C ASP A 108 4.93 19.51 -11.15
N ALA A 109 5.81 20.36 -11.67
CA ALA A 109 5.45 21.78 -11.94
C ALA A 109 4.64 21.88 -13.24
N ASP A 110 4.96 21.00 -14.21
CA ASP A 110 4.23 20.85 -15.51
C ASP A 110 2.97 19.97 -15.38
N SER A 111 2.69 19.36 -14.22
CA SER A 111 1.53 18.46 -14.01
C SER A 111 1.60 17.29 -15.01
N SER A 112 2.78 16.71 -15.18
CA SER A 112 3.01 15.50 -16.01
C SER A 112 2.48 14.25 -15.30
N GLY A 113 2.20 14.31 -14.00
CA GLY A 113 1.70 13.14 -13.23
C GLY A 113 2.83 12.36 -12.61
N TYR A 114 4.06 12.85 -12.74
CA TYR A 114 5.31 12.21 -12.24
C TYR A 114 6.31 13.29 -11.85
N ILE A 115 7.16 12.98 -10.86
CA ILE A 115 8.31 13.83 -10.49
C ILE A 115 9.57 13.19 -11.06
N SER A 116 10.19 13.91 -11.98
CA SER A 116 11.40 13.49 -12.72
C SER A 116 12.62 13.72 -11.82
N ALA A 117 13.79 13.25 -12.22
CA ALA A 117 15.07 13.51 -11.55
C ALA A 117 15.23 15.02 -11.35
N ALA A 118 14.97 15.82 -12.40
CA ALA A 118 15.24 17.27 -12.39
C ALA A 118 14.30 17.94 -11.38
N GLU A 119 13.04 17.52 -11.37
CA GLU A 119 12.01 18.03 -10.43
C GLU A 119 12.36 17.59 -9.01
N LEU A 120 12.83 16.35 -8.81
CA LEU A 120 13.23 15.89 -7.45
C LEU A 120 14.42 16.72 -6.96
N LYS A 121 15.37 17.02 -7.85
CA LYS A 121 16.53 17.89 -7.56
C LYS A 121 16.06 19.23 -7.02
N ASN A 122 15.04 19.85 -7.64
CA ASN A 122 14.48 21.13 -7.15
C ASN A 122 13.92 20.96 -5.74
N PHE A 123 13.26 19.83 -5.48
CA PHE A 123 12.64 19.55 -4.17
C PHE A 123 13.73 19.46 -3.10
N LEU A 124 14.80 18.72 -3.35
CA LEU A 124 15.94 18.56 -2.40
C LEU A 124 16.66 19.89 -2.17
N LYS A 125 16.95 20.66 -3.23
CA LYS A 125 17.52 22.02 -3.15
C LYS A 125 16.71 22.86 -2.14
N ASP A 126 15.39 22.93 -2.33
CA ASP A 126 14.52 23.78 -1.46
C ASP A 126 14.56 23.23 -0.05
N LEU A 127 14.58 21.92 0.10
CA LEU A 127 14.57 21.25 1.42
C LEU A 127 15.83 21.63 2.20
N PHE A 128 16.99 21.66 1.53
CA PHE A 128 18.28 22.09 2.13
C PHE A 128 18.18 23.57 2.50
N LEU A 129 17.59 24.42 1.66
CA LEU A 129 17.40 25.86 1.97
C LEU A 129 16.52 26.00 3.22
N GLN A 130 15.48 25.18 3.38
CA GLN A 130 14.58 25.20 4.57
C GLN A 130 15.38 24.87 5.84
N HIS A 131 16.42 24.06 5.76
CA HIS A 131 17.34 23.73 6.90
C HIS A 131 18.56 24.67 6.91
N LYS A 132 18.51 25.75 6.12
CA LYS A 132 19.60 26.74 5.95
C LYS A 132 20.96 26.04 5.77
N LYS A 133 20.98 24.91 5.07
CA LYS A 133 22.23 24.25 4.59
C LYS A 133 22.41 24.59 3.11
N LYS A 134 23.65 24.84 2.67
CA LYS A 134 24.01 25.01 1.24
C LYS A 134 24.79 23.77 0.81
N ILE A 135 24.29 23.07 -0.21
CA ILE A 135 24.89 21.80 -0.72
C ILE A 135 25.52 22.13 -2.08
N PRO A 136 26.78 21.73 -2.33
CA PRO A 136 27.39 21.99 -3.64
C PRO A 136 26.67 21.20 -4.75
N PRO A 137 26.61 21.74 -5.99
CA PRO A 137 25.85 21.12 -7.08
C PRO A 137 26.13 19.63 -7.33
N ASN A 138 27.39 19.20 -7.23
CA ASN A 138 27.78 17.79 -7.51
C ASN A 138 27.17 16.90 -6.40
N LYS A 139 27.11 17.40 -5.17
CA LYS A 139 26.59 16.65 -4.00
C LYS A 139 25.08 16.55 -4.15
N LEU A 140 24.45 17.60 -4.70
CA LEU A 140 22.99 17.68 -4.96
C LEU A 140 22.60 16.65 -6.01
N ASP A 141 23.39 16.53 -7.07
CA ASP A 141 23.22 15.48 -8.10
C ASP A 141 23.29 14.12 -7.42
N GLU A 142 24.29 13.91 -6.56
CA GLU A 142 24.51 12.62 -5.84
C GLU A 142 23.25 12.28 -5.04
N TYR A 143 22.80 13.22 -4.19
CA TYR A 143 21.66 13.05 -3.29
C TYR A 143 20.41 12.71 -4.13
N THR A 144 20.22 13.42 -5.24
CA THR A 144 19.06 13.24 -6.13
C THR A 144 19.05 11.83 -6.68
N ASP A 145 20.15 11.40 -7.25
CA ASP A 145 20.32 10.01 -7.74
C ASP A 145 20.00 8.97 -6.64
N ALA A 146 20.57 9.13 -5.46
CA ALA A 146 20.39 8.20 -4.33
C ALA A 146 18.90 8.09 -3.95
N MSE A 147 18.27 9.26 -3.85
CA MSE A 147 16.87 9.36 -3.47
C MSE A 147 15.98 8.72 -4.54
O MSE A 147 15.02 8.04 -4.18
CB MSE A 147 16.52 10.83 -3.27
CG MSE A 147 17.21 11.40 -2.06
SE MSE A 147 16.67 10.51 -0.36
CE MSE A 147 14.79 10.93 -0.73
N MSE A 148 16.31 8.92 -5.81
CA MSE A 148 15.54 8.32 -6.92
C MSE A 148 15.64 6.80 -6.89
O MSE A 148 14.61 6.13 -7.04
CB MSE A 148 15.96 8.90 -8.27
CG MSE A 148 15.08 8.46 -9.42
SE MSE A 148 13.23 9.02 -9.17
CE MSE A 148 13.12 10.95 -9.43
N LYS A 149 16.85 6.26 -6.66
CA LYS A 149 17.08 4.83 -6.60
C LYS A 149 16.32 4.28 -5.38
N ILE A 150 16.30 5.01 -4.27
CA ILE A 150 15.70 4.47 -3.02
C ILE A 150 14.19 4.38 -3.18
N PHE A 151 13.54 5.37 -3.83
CA PHE A 151 12.07 5.57 -3.73
C PHE A 151 11.35 5.21 -5.04
N ASP A 152 12.09 4.95 -6.11
CA ASP A 152 11.51 4.63 -7.43
C ASP A 152 11.23 3.11 -7.48
N LYS A 153 9.99 2.69 -7.17
CA LYS A 153 9.63 1.27 -6.94
C LYS A 153 9.61 0.44 -8.24
N ASN A 154 9.11 1.00 -9.34
CA ASN A 154 8.97 0.26 -10.63
C ASN A 154 10.09 0.64 -11.64
N LYS A 155 11.09 1.41 -11.17
CA LYS A 155 12.38 1.62 -11.87
C LYS A 155 12.16 2.32 -13.21
N ASP A 156 11.24 3.27 -13.31
CA ASP A 156 11.10 4.10 -14.56
C ASP A 156 11.86 5.44 -14.44
N GLY A 157 12.61 5.67 -13.36
CA GLY A 157 13.37 6.90 -13.12
C GLY A 157 12.46 8.06 -12.75
N ARG A 158 11.26 7.75 -12.27
CA ARG A 158 10.26 8.77 -11.89
C ARG A 158 9.60 8.38 -10.57
N LEU A 159 9.26 9.39 -9.78
CA LEU A 159 8.41 9.30 -8.57
C LEU A 159 6.95 9.57 -8.95
N ASP A 160 6.08 8.63 -8.57
CA ASP A 160 4.62 8.80 -8.66
C ASP A 160 4.10 9.47 -7.37
N LEU A 161 2.83 9.82 -7.39
CA LEU A 161 2.11 10.51 -6.29
C LEU A 161 2.32 9.76 -4.96
N ASN A 162 2.14 8.44 -4.94
CA ASN A 162 2.24 7.62 -3.71
C ASN A 162 3.71 7.47 -3.28
N ASP A 163 4.67 7.70 -4.17
CA ASP A 163 6.12 7.74 -3.78
C ASP A 163 6.39 9.00 -2.95
N LEU A 164 5.85 10.17 -3.36
CA LEU A 164 6.05 11.41 -2.58
C LEU A 164 5.31 11.31 -1.24
N ALA A 165 4.11 10.75 -1.26
CA ALA A 165 3.32 10.43 -0.04
C ALA A 165 4.18 9.66 0.96
N ARG A 166 4.86 8.60 0.51
CA ARG A 166 5.75 7.76 1.36
C ARG A 166 6.93 8.59 1.88
N ILE A 167 7.55 9.39 1.01
CA ILE A 167 8.72 10.23 1.39
C ILE A 167 8.32 11.23 2.49
N LEU A 168 7.12 11.80 2.44
CA LEU A 168 6.67 12.90 3.35
C LEU A 168 5.84 12.34 4.51
N ALA A 169 5.68 11.03 4.60
CA ALA A 169 4.92 10.34 5.67
C ALA A 169 3.52 10.94 5.75
N LEU A 170 2.86 11.07 4.59
CA LEU A 170 1.44 11.54 4.52
C LEU A 170 0.61 10.63 5.44
N GLN A 171 -0.23 11.19 6.30
CA GLN A 171 -1.00 10.36 7.24
C GLN A 171 -2.24 9.80 6.52
N GLU A 172 -3.05 9.10 7.29
CA GLU A 172 -4.25 8.36 6.84
C GLU A 172 -5.26 9.30 6.14
N ASN A 173 -6.16 8.69 5.38
CA ASN A 173 -7.31 9.29 4.67
C ASN A 173 -8.34 9.82 5.67
N PHE A 174 -8.42 11.13 5.78
CA PHE A 174 -9.33 11.95 6.62
C PHE A 174 -10.76 11.42 6.52
N LEU A 175 -11.20 10.99 5.34
CA LEU A 175 -12.63 10.60 5.09
C LEU A 175 -12.94 9.22 5.69
N LEU A 176 -11.94 8.46 6.17
CA LEU A 176 -12.19 7.09 6.68
C LEU A 176 -12.83 7.14 8.08
N GLN A 177 -12.80 8.27 8.74
CA GLN A 177 -13.40 8.46 10.09
C GLN A 177 -14.93 8.51 10.01
N PHE A 178 -15.54 8.82 8.85
CA PHE A 178 -17.00 9.04 8.69
C PHE A 178 -17.74 7.71 8.52
N LYS A 179 -18.96 7.62 9.06
CA LYS A 179 -19.68 6.34 9.27
C LYS A 179 -20.95 6.29 8.43
N MSE A 180 -21.24 5.09 7.90
CA MSE A 180 -22.44 4.81 7.13
C MSE A 180 -23.69 4.90 8.01
O MSE A 180 -24.76 5.26 7.50
CB MSE A 180 -22.36 3.40 6.54
CG MSE A 180 -21.31 3.25 5.49
SE MSE A 180 -21.94 3.90 3.76
CE MSE A 180 -21.59 2.49 2.45
N ASP A 181 -23.53 4.58 9.31
CA ASP A 181 -24.61 4.56 10.29
C ASP A 181 -25.16 5.99 10.54
N ALA A 182 -24.35 7.04 10.33
CA ALA A 182 -24.69 8.47 10.61
C ALA A 182 -25.73 8.96 9.59
N SER A 183 -26.96 8.46 9.72
CA SER A 183 -28.02 8.45 8.68
C SER A 183 -28.95 9.67 8.84
N SER A 184 -28.97 10.29 10.01
CA SER A 184 -29.92 11.38 10.35
C SER A 184 -29.53 12.66 9.60
N GLN A 185 -30.52 13.39 9.08
CA GLN A 185 -30.35 14.67 8.34
C GLN A 185 -29.37 15.59 9.08
N VAL A 186 -29.44 15.64 10.42
CA VAL A 186 -28.56 16.48 11.29
C VAL A 186 -27.13 15.95 11.22
N GLU A 187 -26.97 14.63 11.23
CA GLU A 187 -25.63 14.00 11.18
C GLU A 187 -25.01 14.21 9.80
N ARG A 188 -25.82 14.02 8.74
CA ARG A 188 -25.39 14.22 7.34
C ARG A 188 -24.90 15.65 7.14
N LYS A 189 -25.58 16.63 7.75
CA LYS A 189 -25.19 18.06 7.67
C LYS A 189 -23.86 18.25 8.41
N ARG A 190 -23.71 17.70 9.62
CA ARG A 190 -22.51 17.90 10.48
C ARG A 190 -21.27 17.35 9.74
N ASP A 191 -21.41 16.21 9.09
CA ASP A 191 -20.32 15.51 8.35
C ASP A 191 -19.98 16.29 7.08
N PHE A 192 -20.97 16.61 6.25
CA PHE A 192 -20.76 17.43 5.04
C PHE A 192 -19.97 18.67 5.45
N GLU A 193 -20.43 19.39 6.50
CA GLU A 193 -19.81 20.66 6.96
C GLU A 193 -18.37 20.39 7.42
N LYS A 194 -18.17 19.37 8.23
CA LYS A 194 -16.81 19.00 8.74
C LYS A 194 -15.88 18.66 7.54
N ILE A 195 -16.40 17.93 6.54
CA ILE A 195 -15.66 17.50 5.32
C ILE A 195 -15.28 18.76 4.53
N PHE A 196 -16.25 19.59 4.15
CA PHE A 196 -15.97 20.78 3.31
C PHE A 196 -14.98 21.70 4.05
N ALA A 197 -15.15 21.87 5.36
CA ALA A 197 -14.32 22.77 6.19
C ALA A 197 -12.86 22.30 6.10
N HIS A 198 -12.64 20.98 6.14
CA HIS A 198 -11.30 20.36 6.11
C HIS A 198 -10.57 20.68 4.79
N TYR A 199 -11.19 20.46 3.64
CA TYR A 199 -10.54 20.66 2.32
C TYR A 199 -10.50 22.16 1.98
N ASP A 200 -11.46 22.94 2.49
CA ASP A 200 -11.57 24.40 2.24
C ASP A 200 -10.58 25.16 3.15
N VAL A 201 -9.29 24.89 3.00
CA VAL A 201 -8.20 25.37 3.89
C VAL A 201 -8.11 26.91 3.80
N SER A 202 -8.35 27.51 2.63
CA SER A 202 -8.33 28.98 2.39
C SER A 202 -9.65 29.64 2.88
N ARG A 203 -10.63 28.83 3.29
CA ARG A 203 -11.90 29.30 3.90
C ARG A 203 -12.61 30.27 2.96
N THR A 204 -12.70 29.95 1.66
CA THR A 204 -13.37 30.80 0.65
C THR A 204 -14.74 30.25 0.26
N GLY A 205 -15.18 29.14 0.86
CA GLY A 205 -16.46 28.48 0.52
C GLY A 205 -16.41 27.74 -0.81
N ALA A 206 -15.25 27.73 -1.49
CA ALA A 206 -15.00 26.87 -2.67
C ALA A 206 -13.71 26.08 -2.47
N LEU A 207 -13.64 24.86 -3.01
CA LEU A 207 -12.36 24.12 -3.15
C LEU A 207 -11.66 24.64 -4.41
N GLU A 208 -10.45 25.17 -4.24
CA GLU A 208 -9.58 25.72 -5.31
C GLU A 208 -8.25 24.94 -5.31
N GLY A 209 -7.75 24.60 -6.50
CA GLY A 209 -6.40 24.08 -6.72
C GLY A 209 -6.15 22.83 -5.87
N PRO A 210 -5.13 22.85 -4.98
CA PRO A 210 -4.73 21.65 -4.24
C PRO A 210 -5.82 21.20 -3.26
N GLU A 211 -6.81 22.05 -3.03
CA GLU A 211 -8.00 21.71 -2.22
C GLU A 211 -8.86 20.70 -2.97
N VAL A 212 -9.05 20.89 -4.27
CA VAL A 212 -9.79 19.93 -5.14
C VAL A 212 -9.01 18.62 -5.17
N ASP A 213 -7.68 18.72 -5.34
CA ASP A 213 -6.76 17.58 -5.48
C ASP A 213 -6.85 16.69 -4.24
N GLY A 214 -6.70 17.28 -3.05
CA GLY A 214 -6.80 16.55 -1.77
C GLY A 214 -8.12 15.80 -1.68
N PHE A 215 -9.21 16.48 -2.01
CA PHE A 215 -10.58 15.92 -1.96
C PHE A 215 -10.68 14.73 -2.94
N VAL A 216 -10.10 14.83 -4.13
CA VAL A 216 -10.28 13.82 -5.21
C VAL A 216 -9.46 12.58 -4.86
N LYS A 217 -8.21 12.77 -4.45
CA LYS A 217 -7.34 11.69 -3.94
C LYS A 217 -8.08 10.92 -2.83
N ASP A 218 -8.52 11.63 -1.79
CA ASP A 218 -9.14 11.02 -0.60
C ASP A 218 -10.43 10.31 -1.03
N MSE A 219 -11.22 10.95 -1.89
CA MSE A 219 -12.49 10.34 -2.25
C MSE A 219 -12.27 9.08 -3.08
O MSE A 219 -12.90 8.04 -2.79
CB MSE A 219 -13.39 11.28 -3.05
CG MSE A 219 -14.58 10.57 -3.63
SE MSE A 219 -15.76 11.81 -4.57
CE MSE A 219 -14.51 12.60 -5.87
N MSE A 220 -11.41 9.15 -4.11
CA MSE A 220 -11.16 7.99 -4.95
C MSE A 220 -10.56 6.83 -4.12
O MSE A 220 -10.88 5.66 -4.39
CB MSE A 220 -10.26 8.36 -6.13
CG MSE A 220 -10.85 9.41 -7.08
SE MSE A 220 -12.63 8.92 -7.70
CE MSE A 220 -12.45 7.17 -8.59
N GLU A 221 -9.73 7.14 -3.11
CA GLU A 221 -9.03 6.10 -2.35
C GLU A 221 -9.95 5.43 -1.33
N LEU A 222 -11.19 5.89 -1.17
CA LEU A 222 -12.24 5.18 -0.40
C LEU A 222 -12.58 3.85 -1.10
N VAL A 223 -12.44 3.77 -2.43
CA VAL A 223 -12.99 2.60 -3.18
C VAL A 223 -11.88 1.88 -3.97
N ARG A 224 -10.71 2.48 -4.10
CA ARG A 224 -9.64 1.83 -4.89
C ARG A 224 -8.29 2.05 -4.20
N PRO A 225 -7.25 1.25 -4.52
CA PRO A 225 -5.94 1.45 -3.92
C PRO A 225 -5.29 2.79 -4.35
N SER A 226 -4.18 3.14 -3.73
CA SER A 226 -3.50 4.45 -3.96
C SER A 226 -3.46 4.78 -5.46
N ILE A 227 -4.00 5.93 -5.86
CA ILE A 227 -4.05 6.40 -7.28
C ILE A 227 -2.73 7.05 -7.75
N SER A 228 -2.55 7.09 -9.07
CA SER A 228 -1.36 7.70 -9.72
C SER A 228 -1.53 9.21 -9.86
N GLY A 229 -0.45 9.90 -10.21
CA GLY A 229 -0.50 11.32 -10.60
C GLY A 229 -1.43 11.54 -11.78
N GLY A 230 -1.32 10.72 -12.84
CA GLY A 230 -2.19 10.80 -14.03
C GLY A 230 -3.65 10.58 -13.67
N ASP A 231 -3.92 9.55 -12.85
CA ASP A 231 -5.28 9.25 -12.32
C ASP A 231 -5.85 10.47 -11.59
N LEU A 232 -5.05 11.13 -10.76
CA LEU A 232 -5.48 12.34 -10.02
C LEU A 232 -6.01 13.38 -11.01
N ASP A 233 -5.25 13.73 -12.06
CA ASP A 233 -5.64 14.72 -13.09
C ASP A 233 -6.91 14.21 -13.83
N LYS A 234 -7.04 12.93 -14.11
CA LYS A 234 -8.21 12.35 -14.82
C LYS A 234 -9.47 12.52 -13.95
N PHE A 235 -9.44 12.11 -12.69
CA PHE A 235 -10.62 12.12 -11.78
C PHE A 235 -10.94 13.57 -11.36
N ARG A 236 -9.92 14.41 -11.28
CA ARG A 236 -10.09 15.85 -11.04
C ARG A 236 -10.94 16.45 -12.17
N GLU A 237 -10.51 16.24 -13.41
CA GLU A 237 -11.23 16.73 -14.61
C GLU A 237 -12.63 16.14 -14.59
N CYS A 238 -12.79 14.87 -14.21
CA CYS A 238 -14.11 14.17 -14.14
C CYS A 238 -14.98 14.88 -13.10
N LEU A 239 -14.46 15.19 -11.92
CA LEU A 239 -15.26 15.89 -10.89
C LEU A 239 -15.70 17.28 -11.41
N LEU A 240 -14.82 18.03 -12.06
CA LEU A 240 -15.15 19.37 -12.61
C LEU A 240 -16.20 19.25 -13.72
N THR A 241 -16.04 18.31 -14.65
CA THR A 241 -17.00 18.09 -15.75
C THR A 241 -18.41 17.89 -15.18
N HIS A 242 -18.57 17.24 -14.04
CA HIS A 242 -19.91 16.83 -13.54
C HIS A 242 -20.40 17.76 -12.41
N CYS A 243 -19.57 18.60 -11.81
CA CYS A 243 -19.97 19.37 -10.59
C CYS A 243 -19.72 20.85 -10.72
N ASP A 244 -18.77 21.28 -11.56
CA ASP A 244 -18.43 22.71 -11.73
C ASP A 244 -19.41 23.32 -12.72
N MSE A 245 -20.63 23.58 -12.22
CA MSE A 245 -21.74 24.04 -13.03
C MSE A 245 -21.50 25.46 -13.57
O MSE A 245 -21.85 25.71 -14.71
CB MSE A 245 -23.02 24.00 -12.21
CG MSE A 245 -24.24 24.28 -13.02
SE MSE A 245 -25.77 23.62 -12.03
CE MSE A 245 -25.28 21.73 -11.94
N ASN A 246 -20.90 26.34 -12.76
CA ASN A 246 -20.57 27.70 -13.17
C ASN A 246 -19.21 27.77 -13.89
N LYS A 247 -18.51 26.66 -14.07
CA LYS A 247 -17.31 26.56 -14.95
C LYS A 247 -16.22 27.54 -14.50
N ASP A 248 -16.06 27.76 -13.19
CA ASP A 248 -15.05 28.71 -12.66
C ASP A 248 -13.78 27.94 -12.25
N GLY A 249 -13.74 26.61 -12.45
CA GLY A 249 -12.60 25.74 -12.13
C GLY A 249 -12.52 25.42 -10.65
N LYS A 250 -13.50 25.88 -9.87
CA LYS A 250 -13.55 25.72 -8.40
C LYS A 250 -14.77 24.87 -8.05
N ILE A 251 -14.75 24.15 -6.93
CA ILE A 251 -15.93 23.37 -6.48
C ILE A 251 -16.54 24.11 -5.29
N GLN A 252 -17.60 24.89 -5.55
CA GLN A 252 -18.38 25.59 -4.50
C GLN A 252 -19.10 24.52 -3.67
N LYS A 253 -19.31 24.82 -2.39
CA LYS A 253 -20.04 23.93 -1.46
C LYS A 253 -21.37 23.46 -2.12
N SER A 254 -22.07 24.36 -2.80
CA SER A 254 -23.42 24.11 -3.39
C SER A 254 -23.28 23.06 -4.50
N GLU A 255 -22.22 23.20 -5.30
CA GLU A 255 -21.92 22.31 -6.43
C GLU A 255 -21.68 20.88 -5.93
N LEU A 256 -20.90 20.74 -4.86
CA LEU A 256 -20.56 19.41 -4.30
C LEU A 256 -21.82 18.80 -3.66
N ALA A 257 -22.57 19.55 -2.85
CA ALA A 257 -23.84 19.08 -2.24
C ALA A 257 -24.78 18.58 -3.35
N LEU A 258 -24.87 19.33 -4.44
CA LEU A 258 -25.72 18.95 -5.59
C LEU A 258 -25.26 17.58 -6.13
N CYS A 259 -23.99 17.45 -6.46
CA CYS A 259 -23.38 16.24 -7.08
C CYS A 259 -23.54 15.00 -6.19
N LEU A 260 -23.45 15.16 -4.88
CA LEU A 260 -23.57 14.05 -3.89
C LEU A 260 -25.04 13.66 -3.65
N GLY A 261 -26.01 14.56 -3.88
CA GLY A 261 -27.42 14.43 -3.42
C GLY A 261 -27.63 14.98 -2.01
N SER B 1 -28.47 6.40 4.47
CA SER B 1 -27.06 6.23 4.94
C SER B 1 -26.36 7.58 5.20
N GLY B 2 -25.18 7.54 5.80
CA GLY B 2 -24.33 8.74 6.05
C GLY B 2 -23.78 9.34 4.76
N ILE B 3 -23.23 10.55 4.87
CA ILE B 3 -22.69 11.35 3.73
C ILE B 3 -21.51 10.60 3.08
N ILE B 4 -20.76 9.83 3.87
CA ILE B 4 -19.68 8.92 3.37
C ILE B 4 -20.23 7.96 2.30
N GLY B 5 -21.47 7.49 2.43
CA GLY B 5 -22.14 6.66 1.42
C GLY B 5 -22.25 7.36 0.08
N ASN B 6 -22.61 8.64 0.05
CA ASN B 6 -22.71 9.46 -1.19
C ASN B 6 -21.31 9.59 -1.80
N LEU B 7 -20.28 9.88 -0.99
CA LEU B 7 -18.88 10.00 -1.49
C LEU B 7 -18.47 8.69 -2.17
N ARG B 8 -18.69 7.55 -1.48
CA ARG B 8 -18.29 6.20 -2.01
C ARG B 8 -18.97 5.98 -3.35
N HIS B 9 -20.29 6.22 -3.43
CA HIS B 9 -21.11 6.05 -4.65
C HIS B 9 -20.52 6.90 -5.79
N MET B 10 -20.24 8.17 -5.54
CA MET B 10 -19.65 9.06 -6.57
C MET B 10 -18.29 8.49 -7.01
N ALA B 11 -17.45 8.08 -6.06
CA ALA B 11 -16.12 7.45 -6.37
C ALA B 11 -16.32 6.23 -7.28
N LEU B 12 -17.23 5.32 -6.91
CA LEU B 12 -17.51 4.08 -7.68
C LEU B 12 -17.96 4.43 -9.09
N ASP B 13 -18.86 5.41 -9.22
CA ASP B 13 -19.43 5.80 -10.54
C ASP B 13 -18.31 6.39 -11.40
N MET B 14 -17.49 7.24 -10.81
CA MET B 14 -16.41 7.93 -11.56
C MET B 14 -15.34 6.93 -11.95
N GLY B 15 -15.08 5.94 -11.08
CA GLY B 15 -14.13 4.83 -11.32
C GLY B 15 -14.59 3.85 -12.40
N ASN B 16 -15.86 3.87 -12.81
CA ASN B 16 -16.46 2.96 -13.82
C ASN B 16 -16.70 3.67 -15.16
N GLU B 17 -16.80 5.00 -15.16
CA GLU B 17 -16.95 5.84 -16.38
C GLU B 17 -15.71 5.62 -17.27
N GLY C 6 -13.54 -12.42 21.04
CA GLY C 6 -13.35 -12.07 19.60
C GLY C 6 -12.44 -10.86 19.46
N PHE C 7 -11.43 -10.92 18.56
CA PHE C 7 -10.44 -9.82 18.33
C PHE C 7 -11.20 -8.54 17.95
N LEU C 8 -12.20 -8.68 17.07
CA LEU C 8 -13.03 -7.55 16.57
C LEU C 8 -13.79 -6.91 17.73
N GLN C 9 -14.37 -7.73 18.61
CA GLN C 9 -15.22 -7.24 19.73
C GLN C 9 -14.35 -6.38 20.65
N ILE C 10 -13.11 -6.83 20.89
CA ILE C 10 -12.12 -6.10 21.75
C ILE C 10 -11.76 -4.77 21.07
N TRP C 11 -11.48 -4.81 19.76
CA TRP C 11 -11.20 -3.60 18.96
C TRP C 11 -12.36 -2.60 19.06
N GLN C 12 -13.58 -3.07 18.82
CA GLN C 12 -14.82 -2.23 18.77
C GLN C 12 -15.09 -1.64 20.16
N HIS C 13 -14.91 -2.43 21.21
CA HIS C 13 -15.14 -1.96 22.61
C HIS C 13 -14.26 -0.74 22.90
N PHE C 14 -12.96 -0.80 22.57
CA PHE C 14 -11.97 0.22 23.00
C PHE C 14 -11.89 1.36 21.99
N ASP C 15 -12.08 1.10 20.69
CA ASP C 15 -12.21 2.24 19.73
C ASP C 15 -13.64 2.75 19.85
N ALA C 16 -13.97 3.31 21.01
CA ALA C 16 -15.35 3.66 21.45
C ALA C 16 -16.01 4.52 20.38
N ASP C 17 -15.33 5.58 19.91
CA ASP C 17 -15.85 6.59 18.95
C ASP C 17 -15.67 6.12 17.48
N ASP C 18 -15.16 4.90 17.26
CA ASP C 18 -15.13 4.26 15.92
C ASP C 18 -14.35 5.13 14.91
N ASN C 19 -13.25 5.78 15.34
CA ASN C 19 -12.44 6.71 14.48
C ASN C 19 -11.19 6.01 13.92
N GLY C 20 -10.96 4.72 14.22
CA GLY C 20 -9.86 3.89 13.68
C GLY C 20 -8.59 3.84 14.55
N TYR C 21 -8.64 4.42 15.75
CA TYR C 21 -7.47 4.56 16.66
C TYR C 21 -7.91 4.37 18.11
N ILE C 22 -7.21 3.54 18.88
CA ILE C 22 -7.32 3.53 20.37
C ILE C 22 -6.33 4.58 20.88
N GLU C 23 -6.84 5.74 21.32
CA GLU C 23 -6.04 6.97 21.62
C GLU C 23 -6.59 7.67 22.87
N GLY C 24 -5.76 8.48 23.51
CA GLY C 24 -6.07 9.20 24.76
C GLY C 24 -6.63 8.24 25.80
N LYS C 25 -7.82 8.52 26.34
CA LYS C 25 -8.44 7.77 27.45
C LYS C 25 -8.82 6.36 27.02
N GLU C 26 -9.16 6.16 25.74
CA GLU C 26 -9.49 4.81 25.20
C GLU C 26 -8.27 3.90 25.47
N LEU C 27 -7.07 4.44 25.30
CA LEU C 27 -5.77 3.71 25.40
C LEU C 27 -5.44 3.45 26.87
N ASP C 28 -5.66 4.41 27.77
CA ASP C 28 -5.43 4.20 29.23
C ASP C 28 -6.45 3.17 29.72
N ASP C 29 -7.71 3.26 29.25
CA ASP C 29 -8.78 2.29 29.58
C ASP C 29 -8.36 0.91 29.08
N PHE C 30 -7.82 0.84 27.87
CA PHE C 30 -7.33 -0.42 27.27
C PHE C 30 -6.26 -1.03 28.19
N PHE C 31 -5.28 -0.24 28.65
CA PHE C 31 -4.14 -0.74 29.46
C PHE C 31 -4.58 -1.00 30.90
N ARG C 32 -5.63 -0.32 31.39
CA ARG C 32 -6.27 -0.63 32.70
C ARG C 32 -6.87 -2.03 32.59
N HIS C 33 -7.62 -2.29 31.52
CA HIS C 33 -8.24 -3.61 31.24
C HIS C 33 -7.16 -4.69 31.20
N MSE C 34 -6.03 -4.41 30.55
CA MSE C 34 -4.93 -5.41 30.41
C MSE C 34 -4.39 -5.82 31.78
O MSE C 34 -4.14 -7.03 31.95
CB MSE C 34 -3.77 -4.85 29.58
CG MSE C 34 -2.65 -5.88 29.40
SE MSE C 34 -1.86 -5.79 27.63
CE MSE C 34 -3.45 -6.20 26.54
N LEU C 35 -4.16 -4.86 32.68
CA LEU C 35 -3.61 -5.13 34.02
C LEU C 35 -4.52 -6.14 34.73
N LYS C 36 -5.84 -5.93 34.66
CA LYS C 36 -6.85 -6.80 35.32
C LYS C 36 -6.80 -8.22 34.74
N LYS C 37 -6.62 -8.34 33.41
CA LYS C 37 -6.55 -9.65 32.71
C LYS C 37 -5.31 -10.40 33.21
N LEU C 38 -4.12 -9.79 33.10
CA LEU C 38 -2.82 -10.39 33.50
C LEU C 38 -2.82 -10.68 35.01
N GLN C 39 -3.07 -9.66 35.82
CA GLN C 39 -3.04 -9.73 37.31
C GLN C 39 -4.40 -9.31 37.86
N PRO C 40 -5.39 -10.24 37.89
CA PRO C 40 -6.70 -9.96 38.49
C PRO C 40 -6.60 -9.56 39.97
N LYS C 41 -5.70 -10.20 40.72
CA LYS C 41 -5.51 -9.93 42.18
C LYS C 41 -4.91 -8.53 42.41
N ASP C 42 -4.25 -7.94 41.41
CA ASP C 42 -3.51 -6.66 41.58
C ASP C 42 -4.43 -5.45 41.40
N LYS C 43 -4.16 -4.42 42.19
CA LYS C 43 -4.86 -3.11 42.14
C LYS C 43 -4.27 -2.26 41.02
N ILE C 44 -5.11 -1.60 40.24
CA ILE C 44 -4.70 -0.67 39.14
C ILE C 44 -4.18 0.63 39.78
N THR C 45 -2.99 1.09 39.41
CA THR C 45 -2.44 2.41 39.81
C THR C 45 -1.98 3.16 38.56
N ASP C 46 -1.90 4.48 38.61
CA ASP C 46 -1.44 5.34 37.48
C ASP C 46 -0.01 4.93 37.08
N GLU C 47 0.84 4.65 38.07
CA GLU C 47 2.25 4.25 37.81
C GLU C 47 2.27 2.97 36.96
N ARG C 48 1.41 1.98 37.27
CA ARG C 48 1.39 0.66 36.60
C ARG C 48 0.73 0.73 35.21
N VAL C 49 -0.32 1.53 35.06
CA VAL C 49 -0.90 1.87 33.73
C VAL C 49 0.22 2.44 32.87
N GLN C 50 0.96 3.43 33.38
CA GLN C 50 2.08 4.12 32.68
C GLN C 50 3.22 3.15 32.38
N GLN C 51 3.49 2.21 33.28
CA GLN C 51 4.58 1.22 33.09
C GLN C 51 4.17 0.20 32.01
N ILE C 52 2.96 -0.37 32.08
CA ILE C 52 2.55 -1.40 31.08
C ILE C 52 2.39 -0.71 29.72
N LYS C 53 1.94 0.55 29.69
CA LYS C 53 1.75 1.34 28.44
C LYS C 53 3.10 1.54 27.72
N LYS C 54 4.15 2.03 28.42
CA LYS C 54 5.52 2.21 27.85
C LYS C 54 5.98 0.90 27.20
N SER C 55 5.88 -0.17 27.98
CA SER C 55 6.33 -1.54 27.65
C SER C 55 5.70 -1.99 26.34
N PHE C 56 4.37 -1.99 26.27
CA PHE C 56 3.56 -2.54 25.15
C PHE C 56 3.65 -1.60 23.94
N MSE C 57 3.72 -0.29 24.16
CA MSE C 57 3.82 0.68 23.04
C MSE C 57 5.22 0.56 22.39
O MSE C 57 5.31 0.68 21.15
CB MSE C 57 3.45 2.09 23.49
CG MSE C 57 1.98 2.21 23.93
SE MSE C 57 0.66 1.80 22.48
CE MSE C 57 0.81 3.47 21.53
N SER C 58 6.25 0.27 23.17
CA SER C 58 7.61 0.03 22.62
C SER C 58 7.61 -1.23 21.75
N ALA C 59 6.86 -2.26 22.12
CA ALA C 59 6.80 -3.54 21.39
C ALA C 59 5.87 -3.44 20.16
N TYR C 60 4.82 -2.61 20.17
CA TYR C 60 3.68 -2.74 19.23
C TYR C 60 3.29 -1.42 18.54
N ASP C 61 3.68 -0.25 19.02
CA ASP C 61 3.34 1.03 18.33
C ASP C 61 4.30 1.21 17.14
N ALA C 62 4.14 0.41 16.09
CA ALA C 62 5.03 0.42 14.90
C ALA C 62 4.99 1.78 14.15
N THR C 63 3.90 2.52 14.21
CA THR C 63 3.73 3.80 13.44
C THR C 63 4.25 4.99 14.26
N PHE C 64 4.55 4.79 15.55
CA PHE C 64 5.24 5.75 16.46
C PHE C 64 4.42 7.04 16.64
N ASP C 65 3.11 6.92 16.84
CA ASP C 65 2.16 8.07 16.92
C ASP C 65 1.50 8.10 18.30
N GLY C 66 1.84 7.15 19.19
CA GLY C 66 1.29 7.09 20.56
C GLY C 66 -0.13 6.58 20.60
N ARG C 67 -0.62 6.02 19.50
CA ARG C 67 -1.98 5.43 19.35
C ARG C 67 -1.86 4.00 18.84
N LEU C 68 -2.90 3.20 19.07
CA LEU C 68 -3.01 1.85 18.49
C LEU C 68 -4.04 1.89 17.37
N GLN C 69 -3.64 1.42 16.20
CA GLN C 69 -4.55 1.14 15.07
C GLN C 69 -4.70 -0.37 14.94
N ILE C 70 -5.67 -0.81 14.14
CA ILE C 70 -6.14 -2.22 14.19
C ILE C 70 -4.98 -3.21 13.97
N GLU C 71 -4.01 -2.90 13.08
CA GLU C 71 -2.88 -3.82 12.78
C GLU C 71 -1.98 -4.00 14.01
N GLU C 72 -1.81 -2.96 14.81
CA GLU C 72 -0.92 -2.95 15.98
C GLU C 72 -1.56 -3.80 17.08
N LEU C 73 -2.87 -3.67 17.30
CA LEU C 73 -3.61 -4.55 18.22
C LEU C 73 -3.57 -5.99 17.73
N ALA C 74 -3.71 -6.20 16.43
CA ALA C 74 -3.68 -7.55 15.84
C ALA C 74 -2.33 -8.20 16.19
N ASN C 75 -1.23 -7.44 16.06
CA ASN C 75 0.13 -7.99 16.32
C ASN C 75 0.22 -8.45 17.78
N MSE C 76 -0.40 -7.67 18.66
CA MSE C 76 -0.44 -7.89 20.12
C MSE C 76 -1.15 -9.22 20.47
O MSE C 76 -0.66 -9.89 21.39
CB MSE C 76 -1.12 -6.67 20.75
CG MSE C 76 -0.86 -6.47 22.23
SE MSE C 76 -1.48 -4.68 22.80
CE MSE C 76 0.06 -3.61 22.14
N ILE C 77 -2.20 -9.59 19.75
CA ILE C 77 -3.02 -10.77 20.15
C ILE C 77 -3.03 -11.98 19.19
N LEU C 78 -3.03 -11.77 17.87
CA LEU C 78 -3.34 -12.86 16.90
C LEU C 78 -2.15 -13.77 16.59
N PRO C 79 -0.92 -13.26 16.31
CA PRO C 79 0.25 -14.13 16.16
C PRO C 79 0.59 -15.03 17.37
N GLN C 80 -0.16 -14.96 18.47
CA GLN C 80 -0.05 -15.90 19.62
C GLN C 80 -0.80 -17.20 19.28
N GLU C 81 -1.55 -17.21 18.17
CA GLU C 81 -2.41 -18.34 17.71
C GLU C 81 -1.71 -19.05 16.54
N GLU C 82 -1.33 -20.31 16.78
CA GLU C 82 -0.60 -21.21 15.83
C GLU C 82 -1.38 -21.38 14.52
N ASN C 83 -2.71 -21.51 14.58
CA ASN C 83 -3.63 -21.73 13.42
C ASN C 83 -3.77 -20.45 12.59
N PHE C 84 -3.82 -19.28 13.23
CA PHE C 84 -3.81 -17.98 12.51
C PHE C 84 -2.49 -17.84 11.71
N LEU C 85 -1.34 -18.18 12.32
CA LEU C 85 0.00 -18.08 11.68
C LEU C 85 0.12 -19.07 10.53
N LEU C 86 -0.65 -20.17 10.57
CA LEU C 86 -0.63 -21.21 9.52
C LEU C 86 -1.21 -20.64 8.21
N ILE C 87 -2.02 -19.57 8.29
CA ILE C 87 -2.59 -18.85 7.12
C ILE C 87 -1.45 -18.23 6.28
N PHE C 88 -0.32 -17.87 6.91
CA PHE C 88 0.77 -17.07 6.29
C PHE C 88 2.02 -17.94 6.03
N ARG C 89 1.88 -19.27 6.10
CA ARG C 89 3.03 -20.21 5.87
C ARG C 89 2.78 -21.02 4.59
N ARG C 90 3.71 -20.93 3.64
CA ARG C 90 4.05 -22.01 2.66
C ARG C 90 5.58 -22.11 2.62
N GLU C 91 6.11 -23.23 2.10
CA GLU C 91 7.58 -23.46 1.97
C GLU C 91 8.11 -22.69 0.75
N ALA C 92 7.30 -22.66 -0.32
CA ALA C 92 7.66 -22.05 -1.63
C ALA C 92 7.19 -20.59 -1.69
N PRO C 93 8.07 -19.63 -2.08
CA PRO C 93 7.65 -18.25 -2.27
C PRO C 93 6.66 -18.18 -3.44
N LEU C 94 5.66 -17.31 -3.34
CA LEU C 94 4.70 -17.02 -4.44
C LEU C 94 5.30 -15.88 -5.27
N ASP C 95 5.99 -16.21 -6.34
CA ASP C 95 6.78 -15.26 -7.18
C ASP C 95 6.31 -15.31 -8.63
N ASN C 96 5.26 -16.07 -8.91
CA ASN C 96 4.61 -16.11 -10.24
C ASN C 96 3.19 -15.57 -10.09
N SER C 97 2.91 -14.45 -10.77
CA SER C 97 1.62 -13.72 -10.67
C SER C 97 0.49 -14.57 -11.28
N VAL C 98 0.78 -15.53 -12.17
CA VAL C 98 -0.27 -16.41 -12.76
C VAL C 98 -0.85 -17.28 -11.64
N GLU C 99 0.00 -17.81 -10.77
CA GLU C 99 -0.43 -18.66 -9.61
C GLU C 99 -1.30 -17.84 -8.67
N PHE C 100 -0.93 -16.57 -8.45
CA PHE C 100 -1.74 -15.60 -7.67
C PHE C 100 -3.11 -15.35 -8.31
N MSE C 101 -3.13 -15.15 -9.62
CA MSE C 101 -4.38 -14.89 -10.37
C MSE C 101 -5.32 -16.11 -10.37
O MSE C 101 -6.53 -15.91 -10.37
CB MSE C 101 -4.06 -14.43 -11.81
CG MSE C 101 -3.37 -13.07 -11.88
SE MSE C 101 -4.46 -11.68 -11.05
CE MSE C 101 -6.33 -12.06 -11.46
N LYS C 102 -4.80 -17.32 -10.40
CA LYS C 102 -5.64 -18.53 -10.27
C LYS C 102 -6.43 -18.50 -8.95
N ILE C 103 -5.79 -18.06 -7.87
CA ILE C 103 -6.42 -17.94 -6.52
C ILE C 103 -7.40 -16.78 -6.57
N TRP C 104 -7.00 -15.63 -7.13
CA TRP C 104 -7.90 -14.45 -7.27
C TRP C 104 -9.19 -14.84 -8.01
N ARG C 105 -9.08 -15.49 -9.17
CA ARG C 105 -10.24 -15.81 -10.05
C ARG C 105 -11.11 -16.91 -9.42
N LYS C 106 -10.53 -17.90 -8.76
CA LYS C 106 -11.29 -18.98 -8.11
C LYS C 106 -12.16 -18.41 -6.99
N TYR C 107 -11.61 -17.53 -6.12
CA TYR C 107 -12.27 -17.05 -4.88
C TYR C 107 -13.07 -15.75 -5.11
N ASP C 108 -12.73 -14.90 -6.09
CA ASP C 108 -13.70 -13.90 -6.59
C ASP C 108 -14.79 -14.63 -7.41
N ALA C 109 -15.68 -15.34 -6.73
CA ALA C 109 -16.61 -16.34 -7.32
C ALA C 109 -17.73 -15.63 -8.10
N ASP C 110 -18.16 -14.43 -7.70
CA ASP C 110 -19.16 -13.65 -8.47
C ASP C 110 -18.51 -12.72 -9.54
N SER C 111 -17.18 -12.72 -9.68
CA SER C 111 -16.44 -11.87 -10.65
C SER C 111 -16.70 -10.36 -10.42
N SER C 112 -16.79 -9.92 -9.16
CA SER C 112 -17.09 -8.51 -8.81
C SER C 112 -15.83 -7.64 -8.92
N GLY C 113 -14.65 -8.25 -8.97
CA GLY C 113 -13.37 -7.51 -8.94
C GLY C 113 -12.91 -7.22 -7.52
N TYR C 114 -13.55 -7.88 -6.53
CA TYR C 114 -13.35 -7.66 -5.08
C TYR C 114 -13.64 -8.96 -4.32
N ILE C 115 -12.96 -9.20 -3.21
CA ILE C 115 -13.21 -10.39 -2.35
C ILE C 115 -14.01 -9.95 -1.13
N SER C 116 -15.22 -10.50 -1.03
CA SER C 116 -16.18 -10.23 0.07
C SER C 116 -15.78 -11.08 1.28
N ALA C 117 -16.36 -10.80 2.44
CA ALA C 117 -16.17 -11.57 3.69
C ALA C 117 -16.50 -13.03 3.40
N ALA C 118 -17.61 -13.31 2.72
CA ALA C 118 -18.10 -14.68 2.46
C ALA C 118 -17.09 -15.43 1.59
N GLU C 119 -16.56 -14.76 0.56
CA GLU C 119 -15.55 -15.34 -0.37
C GLU C 119 -14.24 -15.57 0.41
N LEU C 120 -13.85 -14.64 1.29
CA LEU C 120 -12.62 -14.81 2.09
C LEU C 120 -12.79 -16.03 3.01
N LYS C 121 -13.98 -16.18 3.61
CA LYS C 121 -14.32 -17.35 4.46
C LYS C 121 -14.08 -18.64 3.66
N ASN C 122 -14.54 -18.72 2.40
CA ASN C 122 -14.32 -19.92 1.55
C ASN C 122 -12.82 -20.16 1.36
N PHE C 123 -12.05 -19.11 1.17
CA PHE C 123 -10.59 -19.21 0.94
C PHE C 123 -9.91 -19.79 2.19
N LEU C 124 -10.24 -19.28 3.37
CA LEU C 124 -9.64 -19.76 4.65
C LEU C 124 -10.05 -21.22 4.92
N LYS C 125 -11.33 -21.57 4.74
CA LYS C 125 -11.84 -22.97 4.85
C LYS C 125 -10.98 -23.91 3.99
N ASP C 126 -10.80 -23.60 2.71
CA ASP C 126 -10.02 -24.45 1.77
C ASP C 126 -8.57 -24.52 2.25
N LEU C 127 -8.03 -23.40 2.72
CA LEU C 127 -6.62 -23.29 3.18
C LEU C 127 -6.40 -24.27 4.35
N PHE C 128 -7.35 -24.32 5.29
CA PHE C 128 -7.28 -25.21 6.48
C PHE C 128 -7.38 -26.67 6.01
N LEU C 129 -8.26 -26.97 5.03
CA LEU C 129 -8.38 -28.34 4.45
C LEU C 129 -7.05 -28.75 3.81
N GLN C 130 -6.37 -27.83 3.11
CA GLN C 130 -5.07 -28.11 2.45
C GLN C 130 -4.02 -28.51 3.51
N HIS C 131 -4.10 -27.98 4.73
CA HIS C 131 -3.18 -28.33 5.84
C HIS C 131 -3.80 -29.42 6.72
N LYS C 132 -4.86 -30.08 6.23
CA LYS C 132 -5.63 -31.13 6.94
C LYS C 132 -5.88 -30.73 8.39
N LYS C 133 -6.14 -29.43 8.64
CA LYS C 133 -6.59 -28.91 9.95
C LYS C 133 -8.11 -28.70 9.86
N LYS C 134 -8.78 -29.06 10.95
CA LYS C 134 -10.21 -28.74 11.24
C LYS C 134 -10.19 -27.61 12.28
N ILE C 135 -10.83 -26.50 11.93
CA ILE C 135 -10.96 -25.28 12.76
C ILE C 135 -12.42 -25.25 13.21
N PRO C 136 -12.74 -24.93 14.47
CA PRO C 136 -14.14 -24.78 14.87
C PRO C 136 -14.82 -23.65 14.11
N PRO C 137 -16.12 -23.76 13.73
CA PRO C 137 -16.78 -22.76 12.90
C PRO C 137 -16.67 -21.32 13.42
N ASN C 138 -16.76 -21.12 14.74
CA ASN C 138 -16.71 -19.77 15.36
C ASN C 138 -15.30 -19.20 15.16
N LYS C 139 -14.26 -20.05 15.19
CA LYS C 139 -12.86 -19.60 15.01
C LYS C 139 -12.67 -19.21 13.54
N LEU C 140 -13.33 -19.93 12.62
CA LEU C 140 -13.27 -19.64 11.16
C LEU C 140 -13.91 -18.27 10.88
N ASP C 141 -15.11 -18.04 11.47
CA ASP C 141 -15.81 -16.74 11.41
C ASP C 141 -14.89 -15.69 12.00
N GLU C 142 -14.29 -15.94 13.17
CA GLU C 142 -13.44 -14.95 13.86
C GLU C 142 -12.28 -14.57 12.94
N TYR C 143 -11.55 -15.55 12.41
CA TYR C 143 -10.36 -15.32 11.55
C TYR C 143 -10.81 -14.52 10.30
N THR C 144 -11.94 -14.86 9.70
CA THR C 144 -12.48 -14.16 8.51
C THR C 144 -12.76 -12.69 8.85
N ASP C 145 -13.48 -12.43 9.94
CA ASP C 145 -13.81 -11.05 10.38
C ASP C 145 -12.52 -10.29 10.67
N ALA C 146 -11.57 -10.92 11.37
CA ALA C 146 -10.29 -10.29 11.78
C ALA C 146 -9.52 -9.87 10.52
N MSE C 147 -9.44 -10.78 9.56
CA MSE C 147 -8.70 -10.58 8.31
C MSE C 147 -9.35 -9.44 7.53
O MSE C 147 -8.61 -8.61 7.03
CB MSE C 147 -8.72 -11.85 7.48
CG MSE C 147 -8.40 -13.11 8.20
SE MSE C 147 -6.86 -13.86 7.35
CE MSE C 147 -5.53 -12.60 8.05
N MSE C 148 -10.68 -9.41 7.45
CA MSE C 148 -11.42 -8.34 6.74
C MSE C 148 -11.03 -7.00 7.37
O MSE C 148 -10.60 -6.08 6.64
CB MSE C 148 -12.92 -8.58 6.81
CG MSE C 148 -13.43 -9.66 5.85
SE MSE C 148 -12.99 -9.32 3.91
CE MSE C 148 -12.95 -7.33 3.90
N LYS C 149 -11.19 -6.89 8.68
CA LYS C 149 -10.94 -5.60 9.37
C LYS C 149 -9.46 -5.22 9.20
N ILE C 150 -8.53 -6.17 9.29
CA ILE C 150 -7.08 -5.86 9.29
C ILE C 150 -6.67 -5.39 7.89
N PHE C 151 -7.14 -6.06 6.83
CA PHE C 151 -6.55 -5.98 5.47
C PHE C 151 -7.44 -5.11 4.56
N ASP C 152 -8.66 -4.76 4.99
CA ASP C 152 -9.53 -3.81 4.27
C ASP C 152 -9.09 -2.38 4.64
N LYS C 153 -8.21 -1.78 3.83
CA LYS C 153 -7.46 -0.53 4.18
C LYS C 153 -8.39 0.70 4.08
N ASN C 154 -9.32 0.72 3.11
CA ASN C 154 -10.21 1.87 2.86
C ASN C 154 -11.63 1.60 3.40
N LYS C 155 -11.83 0.50 4.13
CA LYS C 155 -13.03 0.23 4.97
C LYS C 155 -14.30 0.17 4.12
N ASP C 156 -14.26 -0.42 2.93
CA ASP C 156 -15.49 -0.63 2.11
C ASP C 156 -16.04 -2.05 2.30
N GLY C 157 -15.48 -2.84 3.21
CA GLY C 157 -15.91 -4.23 3.51
C GLY C 157 -15.51 -5.17 2.39
N ARG C 158 -14.50 -4.81 1.61
CA ARG C 158 -14.00 -5.65 0.50
C ARG C 158 -12.48 -5.62 0.47
N LEU C 159 -11.88 -6.75 0.07
CA LEU C 159 -10.45 -6.92 -0.25
C LEU C 159 -10.26 -6.75 -1.76
N ASP C 160 -9.40 -5.82 -2.12
CA ASP C 160 -8.99 -5.59 -3.51
C ASP C 160 -7.82 -6.52 -3.84
N LEU C 161 -7.42 -6.50 -5.10
CA LEU C 161 -6.36 -7.35 -5.66
C LEU C 161 -5.07 -7.20 -4.84
N ASN C 162 -4.63 -5.97 -4.56
CA ASN C 162 -3.35 -5.68 -3.86
C ASN C 162 -3.46 -6.09 -2.37
N ASP C 163 -4.66 -6.18 -1.82
CA ASP C 163 -4.85 -6.65 -0.43
C ASP C 163 -4.54 -8.15 -0.39
N LEU C 164 -5.06 -8.91 -1.36
CA LEU C 164 -4.85 -10.38 -1.39
C LEU C 164 -3.36 -10.66 -1.68
N ALA C 165 -2.76 -9.90 -2.61
CA ALA C 165 -1.31 -9.93 -2.88
C ALA C 165 -0.53 -9.84 -1.56
N ARG C 166 -0.86 -8.87 -0.69
CA ARG C 166 -0.12 -8.63 0.58
C ARG C 166 -0.38 -9.83 1.50
N ILE C 167 -1.62 -10.30 1.59
CA ILE C 167 -1.98 -11.49 2.43
C ILE C 167 -1.15 -12.71 2.03
N LEU C 168 -0.92 -12.93 0.74
CA LEU C 168 -0.25 -14.14 0.18
C LEU C 168 1.24 -13.88 -0.08
N ALA C 169 1.76 -12.73 0.31
CA ALA C 169 3.20 -12.38 0.21
C ALA C 169 3.65 -12.51 -1.26
N LEU C 170 2.84 -12.07 -2.22
CA LEU C 170 3.20 -12.13 -3.65
C LEU C 170 4.49 -11.32 -3.82
N GLN C 171 5.48 -11.91 -4.49
CA GLN C 171 6.76 -11.25 -4.86
C GLN C 171 6.61 -10.75 -6.30
N GLU C 172 6.79 -9.46 -6.55
CA GLU C 172 6.42 -8.89 -7.89
C GLU C 172 7.59 -8.30 -8.66
N ASN C 173 8.76 -8.93 -8.62
CA ASN C 173 9.97 -8.37 -9.30
C ASN C 173 10.24 -9.01 -10.67
N PHE C 174 9.33 -9.81 -11.23
CA PHE C 174 9.70 -10.55 -12.48
C PHE C 174 10.03 -9.65 -13.68
N LEU C 175 9.23 -8.64 -14.02
CA LEU C 175 9.59 -7.85 -15.22
C LEU C 175 10.67 -6.81 -14.89
N LEU C 176 10.98 -6.58 -13.62
CA LEU C 176 11.91 -5.50 -13.21
C LEU C 176 13.36 -5.97 -13.38
N GLN C 177 13.58 -7.26 -13.60
CA GLN C 177 14.92 -7.81 -13.88
C GLN C 177 15.40 -7.43 -15.30
N PHE C 178 14.51 -7.05 -16.23
CA PHE C 178 14.87 -6.81 -17.66
C PHE C 178 15.34 -5.37 -17.83
N LYS C 179 16.35 -5.18 -18.69
CA LYS C 179 17.22 -3.97 -18.70
C LYS C 179 17.09 -3.24 -20.03
N MSE C 180 17.13 -1.92 -20.00
CA MSE C 180 17.03 -1.03 -21.18
C MSE C 180 18.26 -1.19 -22.08
O MSE C 180 18.12 -1.02 -23.29
CB MSE C 180 16.89 0.42 -20.75
CG MSE C 180 15.58 0.71 -20.09
SE MSE C 180 14.15 0.68 -21.41
CE MSE C 180 13.09 2.32 -21.16
N ASP C 181 19.41 -1.49 -21.45
CA ASP C 181 20.74 -1.74 -22.07
C ASP C 181 20.67 -2.90 -23.07
N ALA C 182 19.83 -3.93 -22.81
CA ALA C 182 19.78 -5.21 -23.55
C ALA C 182 19.12 -5.00 -24.93
N SER C 183 19.82 -4.28 -25.80
CA SER C 183 19.28 -3.59 -26.99
C SER C 183 19.44 -4.46 -28.24
N SER C 184 20.30 -5.48 -28.19
CA SER C 184 20.65 -6.32 -29.37
C SER C 184 19.47 -7.26 -29.68
N GLN C 185 19.17 -7.43 -30.97
CA GLN C 185 18.09 -8.31 -31.49
C GLN C 185 18.14 -9.69 -30.79
N VAL C 186 19.33 -10.24 -30.54
CA VAL C 186 19.54 -11.54 -29.84
C VAL C 186 19.09 -11.43 -28.38
N GLU C 187 19.40 -10.31 -27.74
CA GLU C 187 19.05 -10.08 -26.31
C GLU C 187 17.53 -9.89 -26.20
N ARG C 188 16.96 -9.10 -27.11
CA ARG C 188 15.50 -8.82 -27.17
C ARG C 188 14.74 -10.13 -27.33
N LYS C 189 15.25 -11.06 -28.15
CA LYS C 189 14.63 -12.39 -28.35
C LYS C 189 14.72 -13.20 -27.04
N ARG C 190 15.88 -13.21 -26.38
CA ARG C 190 16.12 -14.06 -25.18
C ARG C 190 15.15 -13.62 -24.07
N ASP C 191 14.96 -12.30 -23.93
CA ASP C 191 14.11 -11.65 -22.89
C ASP C 191 12.63 -11.91 -23.20
N PHE C 192 12.19 -11.62 -24.44
CA PHE C 192 10.83 -11.92 -24.89
C PHE C 192 10.54 -13.39 -24.55
N GLU C 193 11.43 -14.31 -24.94
CA GLU C 193 11.19 -15.78 -24.75
C GLU C 193 11.12 -16.08 -23.24
N LYS C 194 12.02 -15.51 -22.44
CA LYS C 194 12.02 -15.73 -20.97
C LYS C 194 10.71 -15.22 -20.38
N ILE C 195 10.24 -14.05 -20.84
CA ILE C 195 8.97 -13.39 -20.42
C ILE C 195 7.79 -14.31 -20.78
N PHE C 196 7.63 -14.66 -22.06
CA PHE C 196 6.49 -15.51 -22.49
C PHE C 196 6.49 -16.84 -21.72
N ALA C 197 7.65 -17.45 -21.53
CA ALA C 197 7.79 -18.77 -20.88
C ALA C 197 7.25 -18.68 -19.46
N HIS C 198 7.56 -17.58 -18.77
CA HIS C 198 7.16 -17.33 -17.36
C HIS C 198 5.63 -17.31 -17.21
N TYR C 199 4.92 -16.54 -18.04
CA TYR C 199 3.44 -16.39 -17.97
C TYR C 199 2.73 -17.60 -18.59
N ASP C 200 3.36 -18.27 -19.58
CA ASP C 200 2.80 -19.44 -20.31
C ASP C 200 2.96 -20.71 -19.47
N VAL C 201 2.35 -20.73 -18.29
CA VAL C 201 2.54 -21.78 -17.24
C VAL C 201 2.02 -23.13 -17.77
N SER C 202 0.95 -23.16 -18.57
CA SER C 202 0.36 -24.37 -19.20
C SER C 202 1.17 -24.81 -20.43
N ARG C 203 2.14 -24.00 -20.86
CA ARG C 203 3.09 -24.34 -21.96
C ARG C 203 2.31 -24.70 -23.22
N THR C 204 1.34 -23.88 -23.60
CA THR C 204 0.52 -24.08 -24.83
C THR C 204 0.93 -23.10 -25.92
N GLY C 205 1.91 -22.23 -25.66
CA GLY C 205 2.33 -21.18 -26.61
C GLY C 205 1.32 -20.04 -26.72
N ALA C 206 0.23 -20.07 -25.93
CA ALA C 206 -0.69 -18.92 -25.76
C ALA C 206 -0.86 -18.61 -24.27
N LEU C 207 -1.08 -17.32 -23.94
CA LEU C 207 -1.53 -16.92 -22.59
C LEU C 207 -3.06 -17.08 -22.58
N GLU C 208 -3.55 -17.95 -21.69
CA GLU C 208 -4.99 -18.24 -21.43
C GLU C 208 -5.33 -17.89 -19.98
N GLY C 209 -6.51 -17.28 -19.74
CA GLY C 209 -7.11 -17.07 -18.42
C GLY C 209 -6.15 -16.34 -17.49
N PRO C 210 -5.75 -16.98 -16.36
CA PRO C 210 -4.97 -16.30 -15.33
C PRO C 210 -3.57 -15.95 -15.84
N GLU C 211 -3.19 -16.53 -16.98
CA GLU C 211 -1.89 -16.25 -17.64
C GLU C 211 -1.92 -14.85 -18.25
N VAL C 212 -3.04 -14.47 -18.86
CA VAL C 212 -3.24 -13.10 -19.39
C VAL C 212 -3.26 -12.13 -18.19
N ASP C 213 -3.97 -12.52 -17.14
CA ASP C 213 -4.15 -11.70 -15.92
C ASP C 213 -2.78 -11.36 -15.31
N GLY C 214 -1.96 -12.38 -15.05
CA GLY C 214 -0.61 -12.23 -14.49
C GLY C 214 0.20 -11.23 -15.30
N PHE C 215 0.22 -11.43 -16.62
CA PHE C 215 0.96 -10.59 -17.57
C PHE C 215 0.48 -9.14 -17.49
N VAL C 216 -0.83 -8.91 -17.38
CA VAL C 216 -1.44 -7.55 -17.43
C VAL C 216 -1.13 -6.82 -16.13
N LYS C 217 -1.35 -7.48 -14.99
CA LYS C 217 -0.99 -6.93 -13.67
C LYS C 217 0.48 -6.49 -13.68
N ASP C 218 1.38 -7.40 -14.00
CA ASP C 218 2.84 -7.17 -13.98
C ASP C 218 3.18 -6.06 -14.96
N MSE C 219 2.61 -6.09 -16.15
CA MSE C 219 2.99 -5.08 -17.17
C MSE C 219 2.50 -3.70 -16.73
O MSE C 219 3.30 -2.76 -16.82
CB MSE C 219 2.40 -5.40 -18.54
CG MSE C 219 2.49 -4.20 -19.48
SE MSE C 219 1.76 -4.63 -21.23
CE MSE C 219 -0.06 -5.15 -20.69
N MSE C 220 1.23 -3.58 -16.30
CA MSE C 220 0.68 -2.28 -15.86
C MSE C 220 1.48 -1.73 -14.67
O MSE C 220 1.71 -0.52 -14.61
CB MSE C 220 -0.83 -2.42 -15.55
CG MSE C 220 -1.71 -2.80 -16.72
SE MSE C 220 -1.38 -1.71 -18.36
CE MSE C 220 -1.71 0.13 -17.83
N GLU C 221 1.96 -2.59 -13.77
CA GLU C 221 2.65 -2.14 -12.53
C GLU C 221 4.09 -1.70 -12.81
N LEU C 222 4.60 -1.87 -14.03
CA LEU C 222 5.85 -1.19 -14.47
C LEU C 222 5.72 0.34 -14.47
N VAL C 223 4.51 0.89 -14.69
CA VAL C 223 4.35 2.34 -14.97
C VAL C 223 3.38 2.98 -13.97
N ARG C 224 2.69 2.19 -13.17
CA ARG C 224 1.73 2.79 -12.22
C ARG C 224 1.78 2.00 -10.91
N PRO C 225 1.20 2.57 -9.83
CA PRO C 225 1.15 1.84 -8.56
C PRO C 225 0.25 0.60 -8.63
N SER C 226 0.33 -0.28 -7.64
CA SER C 226 -0.50 -1.50 -7.56
C SER C 226 -1.91 -1.23 -8.08
N ILE C 227 -2.40 -2.00 -9.05
CA ILE C 227 -3.74 -1.87 -9.69
C ILE C 227 -4.83 -2.65 -8.92
N SER C 228 -6.09 -2.30 -9.20
CA SER C 228 -7.31 -2.87 -8.60
C SER C 228 -7.80 -4.06 -9.39
N GLY C 229 -8.80 -4.76 -8.83
CA GLY C 229 -9.50 -5.84 -9.54
C GLY C 229 -10.18 -5.34 -10.79
N GLY C 230 -10.89 -4.22 -10.70
CA GLY C 230 -11.59 -3.57 -11.84
C GLY C 230 -10.60 -3.14 -12.90
N ASP C 231 -9.49 -2.53 -12.49
CA ASP C 231 -8.39 -2.11 -13.38
C ASP C 231 -7.87 -3.31 -14.17
N LEU C 232 -7.70 -4.45 -13.49
CA LEU C 232 -7.23 -5.69 -14.13
C LEU C 232 -8.16 -6.06 -15.28
N ASP C 233 -9.47 -6.14 -15.03
CA ASP C 233 -10.47 -6.52 -16.07
C ASP C 233 -10.46 -5.48 -17.22
N LYS C 234 -10.27 -4.19 -16.91
CA LYS C 234 -10.26 -3.11 -17.93
C LYS C 234 -9.06 -3.31 -18.87
N PHE C 235 -7.86 -3.43 -18.29
CA PHE C 235 -6.60 -3.50 -19.06
C PHE C 235 -6.49 -4.84 -19.76
N ARG C 236 -7.07 -5.90 -19.17
CA ARG C 236 -7.12 -7.23 -19.81
C ARG C 236 -7.89 -7.12 -21.12
N GLU C 237 -9.10 -6.58 -21.07
CA GLU C 237 -9.94 -6.40 -22.26
C GLU C 237 -9.22 -5.48 -23.23
N CYS C 238 -8.53 -4.45 -22.76
CA CYS C 238 -7.74 -3.52 -23.60
C CYS C 238 -6.63 -4.30 -24.33
N LEU C 239 -5.90 -5.17 -23.63
CA LEU C 239 -4.85 -5.98 -24.27
C LEU C 239 -5.46 -6.87 -25.37
N LEU C 240 -6.60 -7.51 -25.11
CA LEU C 240 -7.28 -8.41 -26.09
C LEU C 240 -7.72 -7.61 -27.32
N THR C 241 -8.37 -6.48 -27.10
CA THR C 241 -8.87 -5.60 -28.19
C THR C 241 -7.73 -5.28 -29.17
N HIS C 242 -6.50 -5.11 -28.71
CA HIS C 242 -5.39 -4.59 -29.54
C HIS C 242 -4.40 -5.69 -29.94
N CYS C 243 -4.45 -6.89 -29.38
CA CYS C 243 -3.43 -7.94 -29.65
C CYS C 243 -4.02 -9.28 -30.07
N ASP C 244 -5.27 -9.57 -29.68
CA ASP C 244 -5.94 -10.85 -30.02
C ASP C 244 -6.50 -10.76 -31.45
N MSE C 245 -5.61 -10.90 -32.42
CA MSE C 245 -5.92 -10.72 -33.86
C MSE C 245 -6.87 -11.83 -34.34
O MSE C 245 -7.77 -11.49 -35.12
CB MSE C 245 -4.64 -10.77 -34.68
CG MSE C 245 -4.85 -10.37 -36.12
SE MSE C 245 -3.09 -9.94 -36.85
CE MSE C 245 -2.49 -8.28 -35.95
N ASN C 246 -6.67 -13.07 -33.91
CA ASN C 246 -7.54 -14.23 -34.29
C ASN C 246 -8.76 -14.32 -33.37
N LYS C 247 -8.92 -13.42 -32.39
CA LYS C 247 -10.19 -13.29 -31.61
C LYS C 247 -10.54 -14.60 -30.91
N ASP C 248 -9.57 -15.33 -30.40
CA ASP C 248 -9.81 -16.61 -29.68
C ASP C 248 -9.81 -16.38 -28.15
N GLY C 249 -9.65 -15.12 -27.69
CA GLY C 249 -9.64 -14.74 -26.27
C GLY C 249 -8.33 -15.09 -25.57
N LYS C 250 -7.33 -15.54 -26.34
CA LYS C 250 -6.00 -15.96 -25.87
C LYS C 250 -4.94 -15.06 -26.51
N ILE C 251 -3.79 -14.88 -25.88
CA ILE C 251 -2.66 -14.08 -26.46
C ILE C 251 -1.60 -15.09 -26.90
N GLN C 252 -1.56 -15.42 -28.19
CA GLN C 252 -0.51 -16.28 -28.79
C GLN C 252 0.79 -15.49 -28.77
N LYS C 253 1.92 -16.18 -28.60
CA LYS C 253 3.27 -15.58 -28.63
C LYS C 253 3.42 -14.64 -29.84
N SER C 254 2.88 -15.01 -31.01
CA SER C 254 3.00 -14.23 -32.27
C SER C 254 2.28 -12.90 -32.11
N GLU C 255 1.10 -12.93 -31.48
CA GLU C 255 0.26 -11.75 -31.21
C GLU C 255 0.99 -10.77 -30.29
N LEU C 256 1.63 -11.25 -29.23
CA LEU C 256 2.33 -10.39 -28.25
C LEU C 256 3.58 -9.81 -28.90
N ALA C 257 4.34 -10.60 -29.65
CA ALA C 257 5.56 -10.13 -30.37
C ALA C 257 5.14 -9.03 -31.35
N LEU C 258 4.04 -9.22 -32.03
CA LEU C 258 3.51 -8.22 -32.97
C LEU C 258 3.22 -6.92 -32.21
N CYS C 259 2.43 -7.00 -31.14
CA CYS C 259 1.94 -5.84 -30.34
C CYS C 259 3.11 -5.06 -29.72
N LEU C 260 4.20 -5.73 -29.36
CA LEU C 260 5.40 -5.11 -28.73
C LEU C 260 6.41 -4.58 -29.77
N GLY C 261 6.78 -5.36 -30.81
CA GLY C 261 7.81 -5.01 -31.80
C GLY C 261 9.02 -5.95 -31.75
N SER D 1 17.28 0.35 -26.54
CA SER D 1 15.91 -0.13 -26.90
C SER D 1 15.76 -1.62 -26.49
N GLY D 2 15.93 -1.98 -25.22
CA GLY D 2 15.63 -3.34 -24.71
C GLY D 2 14.13 -3.65 -24.75
N ILE D 3 13.76 -4.94 -24.65
CA ILE D 3 12.35 -5.40 -24.84
C ILE D 3 11.46 -4.81 -23.73
N ILE D 4 12.02 -4.61 -22.54
CA ILE D 4 11.35 -3.93 -21.40
C ILE D 4 10.86 -2.54 -21.85
N GLY D 5 11.59 -1.83 -22.70
CA GLY D 5 11.17 -0.54 -23.28
C GLY D 5 9.84 -0.64 -24.01
N ASN D 6 9.64 -1.69 -24.82
CA ASN D 6 8.37 -1.95 -25.54
C ASN D 6 7.27 -2.20 -24.51
N LEU D 7 7.50 -3.03 -23.49
CA LEU D 7 6.49 -3.30 -22.42
C LEU D 7 6.06 -1.99 -21.74
N ARG D 8 7.03 -1.17 -21.34
CA ARG D 8 6.76 0.12 -20.64
C ARG D 8 5.86 0.98 -21.54
N HIS D 9 6.25 1.15 -22.81
CA HIS D 9 5.51 1.93 -23.84
C HIS D 9 4.08 1.40 -23.98
N MET D 10 3.89 0.10 -24.13
CA MET D 10 2.54 -0.50 -24.24
C MET D 10 1.74 -0.17 -22.96
N ALA D 11 2.34 -0.35 -21.78
CA ALA D 11 1.67 -0.04 -20.49
C ALA D 11 1.24 1.43 -20.47
N LEU D 12 2.17 2.34 -20.80
CA LEU D 12 1.89 3.80 -20.81
C LEU D 12 0.75 4.10 -21.78
N ASP D 13 0.76 3.50 -22.98
CA ASP D 13 -0.27 3.79 -24.02
C ASP D 13 -1.62 3.32 -23.51
N MET D 14 -1.67 2.13 -22.92
CA MET D 14 -2.94 1.55 -22.45
C MET D 14 -3.46 2.33 -21.23
N GLY D 15 -2.54 2.83 -20.40
CA GLY D 15 -2.85 3.67 -19.23
C GLY D 15 -3.24 5.10 -19.57
N ASN D 16 -3.16 5.53 -20.84
CA ASN D 16 -3.53 6.89 -21.34
C ASN D 16 -4.80 6.84 -22.20
N GLU D 17 -5.14 5.66 -22.74
CA GLU D 17 -6.39 5.43 -23.53
C GLU D 17 -7.59 5.75 -22.64
CA CA E . 6.90 -2.89 5.88
CA CA F . 6.58 16.34 -13.79
CA CA G . -17.71 26.11 -9.56
CA CA H . 14.20 -7.56 -2.31
CA CA I . 8.67 4.91 -10.46
CA CA J . -11.05 27.26 -0.40
CL CL K . 20.69 1.82 -2.89
CA CA L . 0.40 3.48 16.19
CA CA M . -10.97 6.21 18.95
CA CA N . -11.31 -2.23 0.91
CA CA O . -16.40 -11.11 -5.41
CA CA P . -5.41 -14.86 -29.95
CA CA Q . -0.75 -21.28 -21.96
#